data_4OBH
#
_entry.id   4OBH
#
_cell.length_a   51.144
_cell.length_b   62.787
_cell.length_c   58.537
_cell.angle_alpha   90.00
_cell.angle_beta   98.03
_cell.angle_gamma   90.00
#
_symmetry.space_group_name_H-M   'P 1 21 1'
#
loop_
_entity.id
_entity.type
_entity.pdbx_description
1 polymer 'HIV-1 Protease'
2 polymer 'p1-p6 peptide'
3 non-polymer GLYCEROL
4 non-polymer 1,2-ETHANEDIOL
5 non-polymer 'ACETATE ION'
6 non-polymer 'PHOSPHATE ION'
7 water water
#
loop_
_entity_poly.entity_id
_entity_poly.type
_entity_poly.pdbx_seq_one_letter_code
_entity_poly.pdbx_strand_id
1 'polypeptide(L)'
;PQITLWKRPLVTIRIGGQLKEALLNTGADDTVLEEMNLPGKWKPKMIGGIGGFIKVRQYDQIPIEICGHKAIGTVLVGPT
PVNIIGRNLLTQIGCTLNF
;
A,B,C,D
2 'polypeptide(L)' RPGNFFQSRP E,F
#
loop_
_chem_comp.id
_chem_comp.type
_chem_comp.name
_chem_comp.formula
ACT non-polymer 'ACETATE ION' 'C2 H3 O2 -1'
EDO non-polymer 1,2-ETHANEDIOL 'C2 H6 O2'
GOL non-polymer GLYCEROL 'C3 H8 O3'
PO4 non-polymer 'PHOSPHATE ION' 'O4 P -3'
#
# COMPACT_ATOMS: atom_id res chain seq x y z
N PRO A 1 24.01 -22.05 9.15
CA PRO A 1 24.61 -21.92 7.82
C PRO A 1 24.71 -20.47 7.33
N GLN A 2 25.50 -20.32 6.27
CA GLN A 2 25.49 -19.11 5.49
C GLN A 2 24.91 -19.50 4.12
N ILE A 3 23.80 -18.87 3.77
CA ILE A 3 23.10 -19.24 2.55
C ILE A 3 23.27 -18.12 1.54
N THR A 4 23.89 -18.44 0.41
CA THR A 4 24.00 -17.46 -0.65
C THR A 4 22.69 -17.39 -1.44
N LEU A 5 22.58 -16.36 -2.27
CA LEU A 5 21.33 -16.04 -2.89
C LEU A 5 21.33 -16.17 -4.41
N TRP A 6 22.31 -16.90 -4.95
CA TRP A 6 22.34 -17.22 -6.37
C TRP A 6 21.12 -18.05 -6.78
N LYS A 7 20.61 -18.87 -5.86
CA LYS A 7 19.39 -19.65 -6.07
C LYS A 7 18.34 -19.25 -5.02
N ARG A 8 17.09 -19.65 -5.19
CA ARG A 8 16.10 -19.43 -4.14
C ARG A 8 16.56 -20.14 -2.83
N PRO A 9 16.46 -19.44 -1.70
CA PRO A 9 16.85 -19.99 -0.39
C PRO A 9 15.79 -20.93 0.22
N LEU A 10 15.71 -22.10 -0.37
CA LEU A 10 14.68 -23.08 -0.01
C LEU A 10 15.25 -23.99 1.06
N VAL A 11 14.44 -24.34 2.05
CA VAL A 11 14.83 -25.19 3.18
C VAL A 11 13.73 -26.19 3.39
N THR A 12 14.00 -27.22 4.18
CA THR A 12 12.96 -28.18 4.56
C THR A 12 12.34 -27.77 5.88
N ILE A 13 11.02 -27.79 5.95
CA ILE A 13 10.35 -27.54 7.19
C ILE A 13 9.52 -28.77 7.56
N ARG A 14 9.14 -28.83 8.83
CA ARG A 14 8.23 -29.86 9.32
C ARG A 14 7.09 -29.20 10.10
N ILE A 15 5.88 -29.37 9.60
CA ILE A 15 4.71 -28.75 10.22
C ILE A 15 3.51 -29.69 10.15
N GLY A 16 2.74 -29.72 11.25
CA GLY A 16 1.60 -30.61 11.40
C GLY A 16 1.90 -32.05 11.04
N GLY A 17 3.11 -32.50 11.30
CA GLY A 17 3.53 -33.85 10.95
C GLY A 17 4.11 -34.02 9.55
N GLN A 18 4.01 -33.02 8.68
CA GLN A 18 4.38 -33.17 7.28
C GLN A 18 5.69 -32.45 6.94
N LEU A 19 6.56 -33.06 6.15
CA LEU A 19 7.73 -32.40 5.59
C LEU A 19 7.37 -31.58 4.35
N LYS A 20 7.92 -30.37 4.26
CA LYS A 20 7.63 -29.48 3.16
C LYS A 20 8.87 -28.68 2.78
N GLU A 21 8.86 -28.11 1.58
CA GLU A 21 9.92 -27.21 1.18
C GLU A 21 9.40 -25.79 1.36
N ALA A 22 10.25 -24.87 1.82
CA ALA A 22 9.79 -23.50 1.98
C ALA A 22 10.90 -22.50 1.74
N LEU A 23 10.50 -21.27 1.45
CA LEU A 23 11.39 -20.23 1.02
C LEU A 23 11.68 -19.29 2.20
N LEU A 24 12.94 -19.13 2.54
CA LEU A 24 13.33 -18.14 3.56
C LEU A 24 13.22 -16.74 2.96
N ASN A 25 12.30 -15.97 3.53
CA ASN A 25 11.78 -14.80 2.87
C ASN A 25 11.85 -13.57 3.78
N THR A 26 12.91 -12.79 3.63
CA THR A 26 13.01 -11.53 4.36
C THR A 26 12.00 -10.45 3.98
N GLY A 27 11.37 -10.61 2.84
CA GLY A 27 10.34 -9.69 2.39
C GLY A 27 8.92 -10.07 2.80
N ALA A 28 8.78 -10.99 3.74
CA ALA A 28 7.46 -11.37 4.24
C ALA A 28 7.41 -11.07 5.74
N ASP A 29 6.37 -10.38 6.19
CA ASP A 29 6.18 -10.12 7.60
C ASP A 29 5.89 -11.46 8.28
N ASP A 30 5.17 -12.33 7.57
CA ASP A 30 4.50 -13.48 8.18
C ASP A 30 4.89 -14.75 7.41
N THR A 31 4.59 -15.90 7.99
CA THR A 31 4.86 -17.19 7.40
C THR A 31 3.55 -17.67 6.77
N VAL A 32 3.62 -18.05 5.50
CA VAL A 32 2.43 -18.40 4.75
C VAL A 32 2.65 -19.72 4.04
N LEU A 33 1.80 -20.71 4.33
CA LEU A 33 1.93 -22.05 3.79
C LEU A 33 0.78 -22.31 2.82
N GLU A 34 1.04 -23.17 1.86
CA GLU A 34 0.02 -23.61 0.94
C GLU A 34 -1.06 -24.36 1.70
N GLU A 35 -2.21 -24.44 1.03
CA GLU A 35 -3.38 -25.08 1.58
C GLU A 35 -3.00 -26.43 2.16
N MET A 36 -3.49 -26.65 3.38
CA MET A 36 -3.31 -27.90 4.06
C MET A 36 -4.31 -27.97 5.19
N ASN A 37 -4.68 -29.17 5.58
CA ASN A 37 -5.54 -29.36 6.74
C ASN A 37 -4.64 -29.38 7.98
N LEU A 38 -4.72 -28.34 8.79
CA LEU A 38 -4.02 -28.30 10.06
C LEU A 38 -5.08 -28.31 11.17
N PRO A 39 -4.84 -29.04 12.26
CA PRO A 39 -5.81 -29.02 13.35
C PRO A 39 -5.68 -27.71 14.14
N GLY A 40 -6.70 -27.38 14.93
CA GLY A 40 -6.58 -26.26 15.86
C GLY A 40 -7.53 -25.14 15.51
N LYS A 41 -7.65 -24.19 16.43
CA LYS A 41 -8.43 -22.97 16.21
C LYS A 41 -7.70 -22.01 15.28
N TRP A 42 -8.45 -21.38 14.37
CA TRP A 42 -7.91 -20.38 13.49
C TRP A 42 -8.87 -19.17 13.34
N LYS A 43 -8.35 -18.08 12.82
CA LYS A 43 -9.06 -16.83 12.59
C LYS A 43 -8.78 -16.40 11.15
N PRO A 44 -9.82 -15.90 10.45
CA PRO A 44 -9.57 -15.41 9.09
C PRO A 44 -8.74 -14.13 9.03
N LYS A 45 -7.95 -13.95 7.98
CA LYS A 45 -7.10 -12.79 7.82
C LYS A 45 -6.88 -12.52 6.32
N MET A 46 -6.64 -11.27 5.95
CA MET A 46 -6.25 -10.90 4.59
C MET A 46 -4.83 -10.38 4.63
N ILE A 47 -3.99 -10.90 3.74
CA ILE A 47 -2.61 -10.49 3.63
C ILE A 47 -2.34 -10.04 2.21
N GLY A 48 -1.41 -9.12 2.08
CA GLY A 48 -1.10 -8.52 0.80
C GLY A 48 0.17 -9.10 0.22
N GLY A 49 0.19 -9.18 -1.10
CA GLY A 49 1.39 -9.52 -1.86
C GLY A 49 1.69 -8.52 -2.96
N ILE A 50 2.51 -8.94 -3.90
CA ILE A 50 2.85 -8.10 -5.02
C ILE A 50 1.64 -7.76 -5.90
N GLY A 51 0.75 -8.72 -6.08
CA GLY A 51 -0.41 -8.61 -6.99
C GLY A 51 -1.77 -8.27 -6.41
N GLY A 52 -1.88 -8.23 -5.09
CA GLY A 52 -3.15 -7.98 -4.44
C GLY A 52 -3.17 -8.75 -3.13
N PHE A 53 -4.35 -9.09 -2.65
CA PHE A 53 -4.50 -9.72 -1.35
C PHE A 53 -4.98 -11.15 -1.48
N ILE A 54 -4.67 -11.97 -0.48
CA ILE A 54 -5.28 -13.27 -0.33
C ILE A 54 -5.83 -13.45 1.07
N LYS A 55 -6.85 -14.28 1.15
CA LYS A 55 -7.42 -14.67 2.44
C LYS A 55 -6.67 -15.89 2.95
N VAL A 56 -6.34 -15.88 4.24
CA VAL A 56 -5.65 -17.00 4.85
C VAL A 56 -6.31 -17.34 6.18
N ARG A 57 -6.05 -18.57 6.61
CA ARG A 57 -6.38 -19.02 7.93
C ARG A 57 -5.21 -18.81 8.88
N GLN A 58 -5.43 -18.08 9.97
CA GLN A 58 -4.35 -17.76 10.92
C GLN A 58 -4.40 -18.70 12.11
N TYR A 59 -3.37 -19.52 12.26
CA TYR A 59 -3.22 -20.43 13.39
C TYR A 59 -2.12 -19.91 14.31
N ASP A 60 -2.43 -19.76 15.58
CA ASP A 60 -1.42 -19.31 16.53
C ASP A 60 -0.78 -20.46 17.32
N GLN A 61 0.41 -20.17 17.84
CA GLN A 61 1.14 -21.09 18.73
C GLN A 61 1.36 -22.48 18.12
N ILE A 62 1.70 -22.52 16.84
CA ILE A 62 1.91 -23.78 16.12
C ILE A 62 3.39 -24.17 16.17
N PRO A 63 3.69 -25.38 16.65
CA PRO A 63 5.08 -25.89 16.55
C PRO A 63 5.49 -26.12 15.11
N ILE A 64 6.67 -25.62 14.75
CA ILE A 64 7.19 -25.85 13.40
C ILE A 64 8.71 -25.94 13.47
N GLU A 65 9.28 -26.82 12.64
CA GLU A 65 10.72 -27.01 12.60
C GLU A 65 11.24 -26.53 11.26
N ILE A 66 12.22 -25.64 11.32
CA ILE A 66 12.77 -25.00 10.13
C ILE A 66 14.26 -25.30 10.01
N CYS A 67 14.60 -26.11 9.01
CA CYS A 67 16.00 -26.48 8.77
C CYS A 67 16.63 -26.90 10.10
N GLY A 68 15.97 -27.79 10.83
CA GLY A 68 16.48 -28.28 12.10
C GLY A 68 16.27 -27.47 13.36
N HIS A 69 15.69 -26.28 13.26
CA HIS A 69 15.53 -25.38 14.39
C HIS A 69 14.09 -25.45 14.82
N LYS A 70 13.84 -25.75 16.09
CA LYS A 70 12.47 -25.80 16.60
C LYS A 70 11.95 -24.38 16.83
N ALA A 71 10.71 -24.15 16.40
CA ALA A 71 10.04 -22.88 16.68
C ALA A 71 8.55 -23.09 17.01
N ILE A 72 7.94 -22.05 17.58
CA ILE A 72 6.54 -22.05 17.88
C ILE A 72 6.03 -20.67 17.53
N GLY A 73 5.10 -20.61 16.60
CA GLY A 73 4.65 -19.32 16.10
C GLY A 73 3.37 -19.34 15.31
N THR A 74 3.03 -18.17 14.80
CA THR A 74 1.85 -18.04 13.93
C THR A 74 2.15 -18.56 12.52
N VAL A 75 1.23 -19.33 11.96
CA VAL A 75 1.34 -19.83 10.59
C VAL A 75 0.04 -19.46 9.90
N LEU A 76 0.14 -18.86 8.72
CA LEU A 76 -1.02 -18.56 7.89
C LEU A 76 -1.12 -19.59 6.78
N VAL A 77 -2.35 -20.05 6.54
CA VAL A 77 -2.56 -21.10 5.55
C VAL A 77 -3.51 -20.56 4.49
N GLY A 78 -3.05 -20.55 3.24
CA GLY A 78 -3.87 -20.08 2.16
C GLY A 78 -3.22 -20.23 0.80
N PRO A 79 -3.74 -19.49 -0.20
CA PRO A 79 -3.30 -19.81 -1.57
C PRO A 79 -1.98 -19.14 -2.04
N THR A 80 -0.90 -19.29 -1.28
CA THR A 80 0.39 -18.78 -1.73
C THR A 80 0.90 -19.78 -2.75
N PRO A 81 1.59 -19.32 -3.80
CA PRO A 81 2.19 -20.26 -4.75
C PRO A 81 3.30 -21.13 -4.15
N VAL A 82 3.96 -20.61 -3.11
CA VAL A 82 5.15 -21.25 -2.55
C VAL A 82 5.10 -21.05 -1.04
N ASN A 83 5.48 -22.07 -0.30
CA ASN A 83 5.56 -21.95 1.16
C ASN A 83 6.61 -20.92 1.50
N ILE A 84 6.29 -19.99 2.38
CA ILE A 84 7.24 -18.94 2.72
C ILE A 84 7.40 -18.82 4.24
N ILE A 85 8.65 -18.80 4.66
CA ILE A 85 8.99 -18.52 6.08
C ILE A 85 9.28 -17.06 6.18
N GLY A 86 8.43 -16.33 6.89
CA GLY A 86 8.62 -14.90 7.06
C GLY A 86 9.32 -14.47 8.33
N ARG A 87 9.31 -13.16 8.58
CA ARG A 87 10.15 -12.62 9.63
C ARG A 87 9.74 -13.08 11.04
N ASN A 88 8.46 -13.35 11.26
CA ASN A 88 8.03 -13.86 12.56
C ASN A 88 8.77 -15.14 12.99
N LEU A 89 9.11 -15.99 12.03
CA LEU A 89 9.86 -17.21 12.30
C LEU A 89 11.34 -17.12 12.01
N LEU A 90 11.74 -16.25 11.08
CA LEU A 90 13.14 -16.03 10.82
C LEU A 90 13.81 -15.52 12.09
N THR A 91 13.12 -14.66 12.84
CA THR A 91 13.75 -14.09 14.04
C THR A 91 13.93 -15.19 15.07
N GLN A 92 13.02 -16.15 15.10
CA GLN A 92 13.09 -17.20 16.13
C GLN A 92 14.27 -18.15 15.84
N ILE A 93 14.59 -18.34 14.57
CA ILE A 93 15.74 -19.21 14.23
C ILE A 93 17.08 -18.45 14.19
N GLY A 94 17.03 -17.15 14.43
CA GLY A 94 18.26 -16.36 14.55
C GLY A 94 18.79 -15.89 13.22
N CYS A 95 17.94 -15.86 12.19
CA CYS A 95 18.39 -15.48 10.87
C CYS A 95 18.67 -13.97 10.73
N THR A 96 19.79 -13.65 10.09
CA THR A 96 20.16 -12.28 9.70
C THR A 96 20.61 -12.19 8.26
N LEU A 97 20.50 -10.99 7.73
CA LEU A 97 21.04 -10.68 6.39
C LEU A 97 22.38 -9.99 6.57
N ASN A 98 23.40 -10.50 5.88
CA ASN A 98 24.72 -9.98 6.02
C ASN A 98 25.31 -9.57 4.67
N PHE A 99 25.92 -8.39 4.63
CA PHE A 99 26.69 -7.95 3.48
C PHE A 99 27.69 -6.86 3.87
N PRO B 1 26.88 -4.51 6.74
CA PRO B 1 26.25 -4.66 8.04
C PRO B 1 25.55 -6.01 8.16
N GLN B 2 25.14 -6.35 9.38
CA GLN B 2 24.34 -7.54 9.59
C GLN B 2 23.00 -7.00 10.05
N ILE B 3 21.95 -7.36 9.32
CA ILE B 3 20.65 -6.75 9.53
C ILE B 3 19.72 -7.79 10.15
N THR B 4 19.17 -7.48 11.32
CA THR B 4 18.26 -8.38 11.99
C THR B 4 16.86 -8.16 11.42
N LEU B 5 15.91 -8.99 11.80
CA LEU B 5 14.65 -9.08 11.04
C LEU B 5 13.44 -8.83 11.93
N TRP B 6 13.65 -8.11 13.04
CA TRP B 6 12.59 -7.67 13.91
C TRP B 6 11.67 -6.65 13.23
N LYS B 7 12.27 -5.88 12.33
CA LYS B 7 11.56 -4.90 11.50
C LYS B 7 11.85 -5.28 10.07
N ARG B 8 11.06 -4.73 9.15
CA ARG B 8 11.32 -4.89 7.73
C ARG B 8 12.71 -4.37 7.38
N PRO B 9 13.46 -5.16 6.61
CA PRO B 9 14.82 -4.78 6.24
C PRO B 9 14.87 -3.75 5.12
N LEU B 10 14.63 -2.52 5.51
CA LEU B 10 14.57 -1.39 4.60
C LEU B 10 15.90 -0.65 4.58
N VAL B 11 16.40 -0.39 3.38
CA VAL B 11 17.64 0.36 3.18
C VAL B 11 17.49 1.48 2.15
N THR B 12 18.41 2.44 2.18
CA THR B 12 18.42 3.50 1.19
C THR B 12 19.07 3.01 -0.09
N ILE B 13 18.45 3.36 -1.20
CA ILE B 13 19.05 3.03 -2.51
C ILE B 13 19.16 4.33 -3.31
N ARG B 14 20.05 4.32 -4.29
CA ARG B 14 20.07 5.36 -5.33
C ARG B 14 19.89 4.75 -6.71
N ILE B 15 18.88 5.27 -7.42
CA ILE B 15 18.52 4.75 -8.76
C ILE B 15 18.20 5.93 -9.66
N GLY B 16 18.87 6.01 -10.81
CA GLY B 16 18.60 7.10 -11.75
C GLY B 16 18.91 8.48 -11.15
N GLY B 17 19.77 8.51 -10.15
CA GLY B 17 20.08 9.75 -9.44
C GLY B 17 19.21 10.06 -8.23
N GLN B 18 18.13 9.31 -8.00
CA GLN B 18 17.21 9.68 -6.91
C GLN B 18 17.37 8.68 -5.77
N LEU B 19 17.21 9.17 -4.56
CA LEU B 19 17.33 8.34 -3.36
C LEU B 19 15.96 7.80 -2.97
N LYS B 20 15.90 6.53 -2.58
CA LYS B 20 14.61 5.88 -2.26
C LYS B 20 14.89 4.88 -1.15
N GLU B 21 13.83 4.42 -0.50
CA GLU B 21 13.94 3.34 0.47
C GLU B 21 13.41 2.08 -0.21
N ALA B 22 14.05 0.94 0.04
CA ALA B 22 13.65 -0.36 -0.52
C ALA B 22 13.84 -1.48 0.48
N LEU B 23 13.09 -2.55 0.23
CA LEU B 23 13.04 -3.71 1.11
C LEU B 23 13.95 -4.78 0.54
N LEU B 24 14.86 -5.28 1.35
CA LEU B 24 15.74 -6.37 0.93
C LEU B 24 14.95 -7.70 1.04
N ASN B 25 14.69 -8.32 -0.11
CA ASN B 25 13.70 -9.38 -0.18
C ASN B 25 14.32 -10.64 -0.77
N THR B 26 14.74 -11.54 0.10
CA THR B 26 15.29 -12.84 -0.33
C THR B 26 14.24 -13.75 -0.99
N GLY B 27 12.97 -13.43 -0.80
CA GLY B 27 11.87 -14.13 -1.47
C GLY B 27 11.50 -13.55 -2.83
N ALA B 28 12.31 -12.63 -3.33
CA ALA B 28 12.09 -12.12 -4.68
C ALA B 28 13.24 -12.52 -5.59
N ASP B 29 12.92 -13.08 -6.76
CA ASP B 29 13.97 -13.36 -7.76
C ASP B 29 14.57 -12.06 -8.31
N ASP B 30 13.71 -11.05 -8.51
CA ASP B 30 14.11 -9.81 -9.17
C ASP B 30 13.74 -8.58 -8.38
N THR B 31 14.21 -7.45 -8.89
CA THR B 31 14.11 -6.17 -8.22
C THR B 31 12.99 -5.39 -8.89
N VAL B 32 12.05 -4.89 -8.10
CA VAL B 32 10.99 -4.07 -8.70
C VAL B 32 10.72 -2.81 -7.88
N LEU B 33 10.78 -1.66 -8.55
CA LEU B 33 10.59 -0.37 -7.92
C LEU B 33 9.24 0.20 -8.31
N GLU B 34 8.70 1.02 -7.43
CA GLU B 34 7.45 1.75 -7.64
C GLU B 34 7.57 2.65 -8.87
N GLU B 35 6.43 2.98 -9.46
CA GLU B 35 6.37 3.74 -10.69
C GLU B 35 7.32 4.94 -10.59
N MET B 36 8.18 5.04 -11.60
CA MET B 36 9.12 6.15 -11.69
C MET B 36 9.57 6.26 -13.15
N ASN B 37 10.12 7.40 -13.50
CA ASN B 37 10.78 7.56 -14.79
C ASN B 37 12.20 7.06 -14.67
N LEU B 38 12.61 6.23 -15.61
CA LEU B 38 14.00 5.84 -15.78
C LEU B 38 14.41 6.02 -17.24
N PRO B 39 15.63 6.51 -17.47
CA PRO B 39 16.14 6.53 -18.85
C PRO B 39 16.40 5.13 -19.39
N GLY B 40 16.35 5.00 -20.71
CA GLY B 40 16.73 3.77 -21.42
C GLY B 40 15.59 3.05 -22.10
N LYS B 41 15.95 2.03 -22.86
CA LYS B 41 15.00 1.10 -23.47
C LYS B 41 14.44 0.17 -22.40
N TRP B 42 13.20 -0.27 -22.59
CA TRP B 42 12.61 -1.25 -21.69
C TRP B 42 11.71 -2.18 -22.49
N LYS B 43 11.34 -3.30 -21.88
CA LYS B 43 10.38 -4.26 -22.44
C LYS B 43 9.33 -4.52 -21.37
N PRO B 44 8.07 -4.81 -21.75
CA PRO B 44 7.08 -5.25 -20.77
C PRO B 44 7.30 -6.67 -20.26
N LYS B 45 6.85 -6.91 -19.03
CA LYS B 45 7.00 -8.19 -18.39
C LYS B 45 5.89 -8.32 -17.35
N MET B 46 5.48 -9.55 -17.06
CA MET B 46 4.65 -9.81 -15.91
C MET B 46 5.50 -10.36 -14.79
N ILE B 47 5.27 -9.90 -13.57
CA ILE B 47 5.84 -10.59 -12.43
C ILE B 47 4.77 -10.85 -11.40
N GLY B 48 4.99 -11.87 -10.59
CA GLY B 48 3.98 -12.17 -9.60
C GLY B 48 4.39 -12.94 -8.36
N GLY B 49 3.43 -13.08 -7.46
CA GLY B 49 3.60 -13.87 -6.24
C GLY B 49 2.27 -14.04 -5.56
N ILE B 50 2.19 -13.60 -4.32
CA ILE B 50 0.91 -13.71 -3.61
C ILE B 50 -0.05 -12.72 -4.23
N GLY B 51 -1.24 -13.18 -4.58
CA GLY B 51 -2.23 -12.29 -5.16
C GLY B 51 -2.21 -12.20 -6.68
N GLY B 52 -1.30 -12.90 -7.34
CA GLY B 52 -1.29 -12.87 -8.80
C GLY B 52 -0.16 -12.00 -9.33
N PHE B 53 -0.35 -11.45 -10.53
CA PHE B 53 0.75 -10.80 -11.25
C PHE B 53 0.50 -9.34 -11.54
N ILE B 54 1.57 -8.57 -11.70
CA ILE B 54 1.48 -7.22 -12.16
C ILE B 54 2.36 -7.02 -13.39
N LYS B 55 2.01 -6.05 -14.21
CA LYS B 55 2.78 -5.75 -15.38
C LYS B 55 3.76 -4.65 -15.07
N VAL B 56 5.01 -4.91 -15.44
CA VAL B 56 6.13 -4.01 -15.17
C VAL B 56 6.92 -3.66 -16.43
N ARG B 57 7.79 -2.64 -16.33
CA ARG B 57 8.76 -2.35 -17.38
C ARG B 57 10.13 -2.84 -16.95
N GLN B 58 10.77 -3.59 -17.82
CA GLN B 58 12.04 -4.24 -17.52
C GLN B 58 13.16 -3.42 -18.19
N TYR B 59 14.04 -2.88 -17.36
CA TYR B 59 15.23 -2.16 -17.84
C TYR B 59 16.48 -3.00 -17.56
N ASP B 60 17.32 -3.20 -18.57
CA ASP B 60 18.49 -4.05 -18.39
C ASP B 60 19.72 -3.22 -18.06
N GLN B 61 20.62 -3.79 -17.26
CA GLN B 61 21.94 -3.20 -16.98
C GLN B 61 21.94 -1.75 -16.51
N ILE B 62 21.14 -1.52 -15.46
CA ILE B 62 20.92 -0.24 -14.81
C ILE B 62 21.85 -0.22 -13.60
N PRO B 63 22.63 0.85 -13.45
CA PRO B 63 23.39 1.08 -12.20
C PRO B 63 22.44 1.42 -11.06
N ILE B 64 22.69 0.83 -9.90
CA ILE B 64 21.93 1.13 -8.69
C ILE B 64 22.88 1.01 -7.50
N GLU B 65 22.66 1.86 -6.50
CA GLU B 65 23.42 1.79 -5.26
CA GLU B 65 23.42 1.79 -5.26
C GLU B 65 22.51 1.35 -4.12
N ILE B 66 22.96 0.34 -3.39
CA ILE B 66 22.19 -0.25 -2.32
C ILE B 66 23.00 -0.21 -1.02
N CYS B 67 22.55 0.64 -0.10
CA CYS B 67 23.24 0.83 1.18
C CYS B 67 24.77 1.00 0.94
N GLY B 68 25.15 1.87 0.02
CA GLY B 68 26.56 2.18 -0.17
C GLY B 68 27.32 1.27 -1.10
N HIS B 69 26.67 0.20 -1.58
CA HIS B 69 27.30 -0.76 -2.48
C HIS B 69 26.74 -0.54 -3.88
N LYS B 70 27.64 -0.32 -4.84
CA LYS B 70 27.25 -0.18 -6.23
C LYS B 70 26.95 -1.56 -6.82
N ALA B 71 25.89 -1.64 -7.60
CA ALA B 71 25.56 -2.83 -8.38
C ALA B 71 25.06 -2.39 -9.77
N ILE B 72 25.02 -3.34 -10.69
CA ILE B 72 24.45 -3.08 -12.00
C ILE B 72 23.62 -4.30 -12.28
N GLY B 73 22.40 -4.08 -12.72
CA GLY B 73 21.60 -5.22 -13.13
C GLY B 73 20.20 -4.82 -13.56
N THR B 74 19.34 -5.80 -13.72
CA THR B 74 18.00 -5.58 -14.22
C THR B 74 17.11 -4.99 -13.14
N VAL B 75 16.44 -3.91 -13.47
CA VAL B 75 15.51 -3.22 -12.61
C VAL B 75 14.13 -3.17 -13.29
N LEU B 76 13.12 -3.62 -12.57
CA LEU B 76 11.74 -3.59 -13.03
C LEU B 76 11.02 -2.43 -12.37
N VAL B 77 10.14 -1.79 -13.12
CA VAL B 77 9.40 -0.64 -12.60
C VAL B 77 7.91 -0.87 -12.85
N GLY B 78 7.10 -0.69 -11.82
CA GLY B 78 5.66 -0.86 -12.01
C GLY B 78 4.93 -0.69 -10.69
N PRO B 79 3.65 -1.12 -10.65
CA PRO B 79 2.80 -0.78 -9.50
C PRO B 79 2.97 -1.77 -8.35
N THR B 80 4.22 -2.00 -7.98
CA THR B 80 4.49 -2.72 -6.74
C THR B 80 4.06 -1.93 -5.50
N PRO B 81 3.59 -2.61 -4.44
CA PRO B 81 3.23 -1.93 -3.19
C PRO B 81 4.40 -1.22 -2.50
N VAL B 82 5.62 -1.73 -2.70
CA VAL B 82 6.81 -1.18 -2.07
C VAL B 82 8.01 -1.43 -2.97
N ASN B 83 9.06 -0.63 -2.85
CA ASN B 83 10.31 -0.89 -3.57
C ASN B 83 10.98 -2.16 -3.05
N ILE B 84 11.38 -3.04 -3.94
CA ILE B 84 11.84 -4.37 -3.55
C ILE B 84 13.17 -4.67 -4.23
N ILE B 85 14.17 -4.97 -3.42
CA ILE B 85 15.45 -5.45 -3.93
C ILE B 85 15.47 -6.96 -3.88
N GLY B 86 15.57 -7.61 -5.03
CA GLY B 86 15.51 -9.05 -5.08
C GLY B 86 16.87 -9.65 -5.26
N ARG B 87 16.88 -10.97 -5.41
CA ARG B 87 18.13 -11.73 -5.43
C ARG B 87 19.11 -11.31 -6.52
N ASN B 88 18.59 -10.91 -7.67
CA ASN B 88 19.40 -10.49 -8.78
C ASN B 88 20.38 -9.39 -8.39
N LEU B 89 19.99 -8.50 -7.48
CA LEU B 89 20.92 -7.49 -6.95
C LEU B 89 21.54 -7.80 -5.59
N LEU B 90 20.83 -8.53 -4.76
CA LEU B 90 21.40 -8.93 -3.47
C LEU B 90 22.71 -9.67 -3.64
N THR B 91 22.77 -10.54 -4.64
CA THR B 91 23.98 -11.30 -4.89
C THR B 91 25.13 -10.35 -5.27
N GLN B 92 24.81 -9.29 -6.00
CA GLN B 92 25.84 -8.37 -6.48
C GLN B 92 26.56 -7.68 -5.34
N ILE B 93 25.86 -7.51 -4.24
CA ILE B 93 26.42 -6.77 -3.13
C ILE B 93 26.95 -7.72 -2.06
N GLY B 94 26.95 -9.02 -2.34
CA GLY B 94 27.50 -10.03 -1.44
C GLY B 94 26.59 -10.42 -0.28
N CYS B 95 25.29 -10.25 -0.44
CA CYS B 95 24.33 -10.46 0.65
C CYS B 95 24.07 -11.95 0.83
N THR B 96 24.16 -12.42 2.08
CA THR B 96 23.83 -13.78 2.45
C THR B 96 22.83 -13.83 3.60
N LEU B 97 22.16 -14.97 3.77
CA LEU B 97 21.31 -15.23 4.92
C LEU B 97 22.11 -16.11 5.86
N ASN B 98 22.05 -15.77 7.15
CA ASN B 98 22.92 -16.40 8.13
C ASN B 98 22.10 -16.78 9.36
N PHE B 99 22.24 -18.03 9.79
CA PHE B 99 21.64 -18.51 11.04
C PHE B 99 22.33 -19.77 11.54
N PRO C 1 -17.36 -2.72 -10.17
CA PRO C 1 -18.16 -1.66 -10.79
C PRO C 1 -17.33 -0.45 -11.18
N GLN C 2 -17.80 0.30 -12.16
CA GLN C 2 -17.19 1.54 -12.60
C GLN C 2 -17.92 2.68 -11.90
N ILE C 3 -17.29 3.32 -10.92
CA ILE C 3 -17.98 4.39 -10.19
C ILE C 3 -17.60 5.78 -10.68
N THR C 4 -18.61 6.52 -11.13
CA THR C 4 -18.38 7.85 -11.66
C THR C 4 -18.42 8.84 -10.50
N LEU C 5 -17.96 10.05 -10.77
CA LEU C 5 -17.68 10.99 -9.70
C LEU C 5 -18.49 12.29 -9.77
N TRP C 6 -19.60 12.28 -10.53
CA TRP C 6 -20.52 13.40 -10.54
C TRP C 6 -21.13 13.63 -9.17
N LYS C 7 -21.36 12.55 -8.43
CA LYS C 7 -21.85 12.63 -7.08
C LYS C 7 -20.84 11.98 -6.16
N ARG C 8 -20.95 12.21 -4.86
CA ARG C 8 -20.09 11.55 -3.89
C ARG C 8 -20.19 10.04 -4.09
N PRO C 9 -19.05 9.35 -4.12
CA PRO C 9 -19.11 7.90 -4.35
C PRO C 9 -19.45 7.10 -3.09
N LEU C 10 -20.73 7.12 -2.73
CA LEU C 10 -21.24 6.49 -1.53
C LEU C 10 -21.72 5.08 -1.88
N VAL C 11 -21.30 4.08 -1.10
CA VAL C 11 -21.71 2.71 -1.37
C VAL C 11 -22.13 2.01 -0.08
N THR C 12 -22.82 0.87 -0.22
CA THR C 12 -23.19 0.09 0.94
C THR C 12 -22.07 -0.83 1.41
N ILE C 13 -21.85 -0.83 2.71
CA ILE C 13 -20.88 -1.72 3.36
C ILE C 13 -21.64 -2.55 4.41
N ARG C 14 -21.09 -3.72 4.74
CA ARG C 14 -21.57 -4.48 5.87
C ARG C 14 -20.38 -4.72 6.79
N ILE C 15 -20.59 -4.44 8.06
CA ILE C 15 -19.54 -4.56 9.07
C ILE C 15 -20.16 -4.91 10.41
N GLY C 16 -19.57 -5.87 11.11
CA GLY C 16 -20.09 -6.29 12.39
C GLY C 16 -21.49 -6.86 12.24
N GLY C 17 -21.80 -7.33 11.04
CA GLY C 17 -23.14 -7.77 10.73
C GLY C 17 -24.17 -6.73 10.35
N GLN C 18 -23.79 -5.45 10.35
CA GLN C 18 -24.70 -4.33 10.12
C GLN C 18 -24.43 -3.63 8.80
N LEU C 19 -25.50 -3.12 8.19
CA LEU C 19 -25.41 -2.39 6.93
C LEU C 19 -25.22 -0.89 7.13
N LYS C 20 -24.30 -0.28 6.36
CA LYS C 20 -24.02 1.16 6.50
C LYS C 20 -23.70 1.74 5.13
N GLU C 21 -23.73 3.06 5.01
CA GLU C 21 -23.28 3.70 3.77
C GLU C 21 -21.93 4.39 4.02
N ALA C 22 -21.05 4.30 3.04
CA ALA C 22 -19.70 4.83 3.19
C ALA C 22 -19.16 5.44 1.90
N LEU C 23 -18.28 6.41 2.08
CA LEU C 23 -17.68 7.17 0.98
C LEU C 23 -16.34 6.59 0.54
N LEU C 24 -16.23 6.25 -0.74
CA LEU C 24 -14.97 5.69 -1.24
C LEU C 24 -13.98 6.84 -1.49
N ASN C 25 -12.94 6.88 -0.66
CA ASN C 25 -12.09 8.05 -0.51
C ASN C 25 -10.62 7.77 -0.81
N THR C 26 -10.21 8.05 -2.05
CA THR C 26 -8.82 7.84 -2.45
C THR C 26 -7.90 8.81 -1.73
N GLY C 27 -8.49 9.84 -1.11
CA GLY C 27 -7.74 10.82 -0.31
C GLY C 27 -7.45 10.45 1.13
N ALA C 28 -7.83 9.25 1.52
CA ALA C 28 -7.72 8.80 2.90
C ALA C 28 -6.83 7.57 2.95
N ASP C 29 -5.82 7.59 3.80
CA ASP C 29 -4.92 6.43 3.92
C ASP C 29 -5.68 5.24 4.55
N ASP C 30 -6.53 5.55 5.52
CA ASP C 30 -7.20 4.61 6.41
C ASP C 30 -8.73 4.77 6.35
N THR C 31 -9.42 3.73 6.79
CA THR C 31 -10.86 3.65 6.80
C THR C 31 -11.37 4.08 8.19
N VAL C 32 -12.34 4.99 8.19
CA VAL C 32 -12.85 5.51 9.48
C VAL C 32 -14.38 5.61 9.42
N LEU C 33 -15.03 5.03 10.42
CA LEU C 33 -16.50 4.97 10.47
C LEU C 33 -16.96 5.70 11.71
N GLU C 34 -18.20 6.17 11.66
CA GLU C 34 -18.77 6.89 12.77
C GLU C 34 -18.94 5.92 13.91
N GLU C 35 -19.20 6.48 15.09
CA GLU C 35 -19.26 5.71 16.32
C GLU C 35 -20.10 4.45 16.17
N MET C 36 -19.52 3.34 16.58
CA MET C 36 -20.23 2.06 16.56
C MET C 36 -19.51 1.11 17.50
N ASN C 37 -20.16 0.02 17.89
CA ASN C 37 -19.50 -1.05 18.62
C ASN C 37 -18.79 -1.99 17.66
N LEU C 38 -17.60 -2.40 18.03
CA LEU C 38 -16.93 -3.47 17.31
C LEU C 38 -16.32 -4.41 18.32
N PRO C 39 -16.23 -5.70 17.97
CA PRO C 39 -15.67 -6.69 18.87
C PRO C 39 -14.16 -6.65 18.84
N GLY C 40 -13.53 -6.91 19.99
CA GLY C 40 -12.09 -7.13 20.04
C GLY C 40 -11.30 -5.98 20.61
N LYS C 41 -9.98 -6.18 20.67
CA LYS C 41 -9.06 -5.23 21.28
C LYS C 41 -8.98 -4.02 20.38
N TRP C 42 -8.73 -2.84 20.94
CA TRP C 42 -8.49 -1.65 20.12
C TRP C 42 -7.44 -0.79 20.76
N LYS C 43 -6.80 0.05 19.96
CA LYS C 43 -5.80 0.99 20.45
C LYS C 43 -6.23 2.36 20.00
N PRO C 44 -5.92 3.39 20.79
CA PRO C 44 -6.25 4.75 20.36
C PRO C 44 -5.30 5.23 19.27
N LYS C 45 -5.80 5.97 18.28
CA LYS C 45 -4.95 6.71 17.33
C LYS C 45 -5.55 8.08 17.00
N MET C 46 -4.73 8.90 16.34
CA MET C 46 -5.17 10.19 15.80
C MET C 46 -5.14 10.11 14.28
N ILE C 47 -6.12 10.72 13.63
CA ILE C 47 -6.02 10.90 12.19
C ILE C 47 -6.33 12.34 11.85
N GLY C 48 -5.73 12.79 10.77
CA GLY C 48 -5.63 14.20 10.50
C GLY C 48 -5.90 14.55 9.05
N GLY C 49 -6.38 15.77 8.89
CA GLY C 49 -6.69 16.30 7.57
C GLY C 49 -6.88 17.80 7.59
N ILE C 50 -7.73 18.25 6.68
CA ILE C 50 -8.30 19.58 6.71
C ILE C 50 -8.98 19.83 8.04
N GLY C 51 -8.47 20.82 8.77
CA GLY C 51 -9.08 21.22 10.05
C GLY C 51 -8.44 20.61 11.30
N GLY C 52 -7.41 19.80 11.13
CA GLY C 52 -6.75 19.20 12.30
C GLY C 52 -7.01 17.71 12.44
N PHE C 53 -6.77 17.16 13.63
CA PHE C 53 -6.83 15.74 13.89
C PHE C 53 -8.01 15.38 14.78
N ILE C 54 -8.51 14.16 14.63
CA ILE C 54 -9.51 13.63 15.56
C ILE C 54 -8.97 12.33 16.16
N LYS C 55 -9.47 12.01 17.35
CA LYS C 55 -9.03 10.82 18.02
C LYS C 55 -9.97 9.68 17.68
N VAL C 56 -9.40 8.53 17.40
CA VAL C 56 -10.20 7.37 17.03
C VAL C 56 -9.78 6.09 17.78
N ARG C 57 -10.63 5.08 17.70
CA ARG C 57 -10.27 3.73 18.08
C ARG C 57 -9.88 2.87 16.89
N GLN C 58 -8.73 2.21 17.01
CA GLN C 58 -8.21 1.35 15.93
C GLN C 58 -8.45 -0.13 16.19
N TYR C 59 -9.22 -0.75 15.32
CA TYR C 59 -9.49 -2.19 15.40
C TYR C 59 -8.80 -2.86 14.22
N ASP C 60 -8.06 -3.92 14.49
CA ASP C 60 -7.33 -4.61 13.42
C ASP C 60 -8.08 -5.84 12.94
N GLN C 61 -7.91 -6.17 11.66
CA GLN C 61 -8.33 -7.48 11.13
C GLN C 61 -9.83 -7.64 11.31
N ILE C 62 -10.56 -6.61 10.89
CA ILE C 62 -12.01 -6.55 11.00
C ILE C 62 -12.62 -6.88 9.66
N PRO C 63 -13.48 -7.92 9.64
CA PRO C 63 -14.10 -8.24 8.36
C PRO C 63 -15.10 -7.18 7.99
N ILE C 64 -15.08 -6.78 6.72
CA ILE C 64 -15.97 -5.74 6.19
C ILE C 64 -16.17 -6.01 4.70
N GLU C 65 -17.44 -5.94 4.30
CA GLU C 65 -17.83 -6.08 2.91
C GLU C 65 -18.14 -4.73 2.26
N ILE C 66 -17.53 -4.43 1.13
CA ILE C 66 -17.69 -3.14 0.50
C ILE C 66 -18.32 -3.36 -0.88
N CYS C 67 -19.59 -2.99 -1.03
CA CYS C 67 -20.23 -3.16 -2.32
C CYS C 67 -20.11 -4.63 -2.77
N GLY C 68 -20.21 -5.57 -1.84
CA GLY C 68 -20.22 -7.01 -2.18
C GLY C 68 -18.82 -7.62 -2.28
N HIS C 69 -17.80 -6.80 -1.99
CA HIS C 69 -16.43 -7.27 -2.11
C HIS C 69 -15.90 -7.42 -0.70
N LYS C 70 -15.18 -8.50 -0.46
CA LYS C 70 -14.82 -8.82 0.91
C LYS C 70 -13.43 -8.35 1.27
N ALA C 71 -13.33 -7.72 2.44
CA ALA C 71 -12.06 -7.30 2.99
C ALA C 71 -11.98 -7.68 4.46
N ILE C 72 -10.77 -7.71 4.97
CA ILE C 72 -10.55 -7.91 6.37
C ILE C 72 -9.34 -7.05 6.68
N GLY C 73 -9.54 -6.00 7.46
CA GLY C 73 -8.41 -5.16 7.77
C GLY C 73 -8.79 -4.12 8.79
N THR C 74 -7.96 -3.09 8.84
CA THR C 74 -8.00 -2.15 9.94
C THR C 74 -9.15 -1.18 9.74
N VAL C 75 -9.97 -1.00 10.78
CA VAL C 75 -11.11 -0.09 10.73
C VAL C 75 -10.98 0.81 11.95
N LEU C 76 -10.98 2.10 11.67
CA LEU C 76 -11.02 3.13 12.72
C LEU C 76 -12.45 3.57 13.00
N VAL C 77 -12.71 3.90 14.27
CA VAL C 77 -14.01 4.38 14.70
C VAL C 77 -13.84 5.68 15.48
N GLY C 78 -14.62 6.67 15.09
CA GLY C 78 -14.58 7.97 15.75
C GLY C 78 -15.41 9.02 15.00
N PRO C 79 -15.20 10.28 15.39
CA PRO C 79 -16.13 11.33 14.98
C PRO C 79 -15.87 11.86 13.58
N THR C 80 -15.87 10.99 12.60
CA THR C 80 -15.73 11.42 11.22
C THR C 80 -17.07 11.95 10.75
N PRO C 81 -17.05 13.01 9.93
CA PRO C 81 -18.31 13.59 9.46
C PRO C 81 -19.15 12.61 8.65
N VAL C 82 -18.49 11.67 7.99
CA VAL C 82 -19.15 10.70 7.14
C VAL C 82 -18.31 9.43 7.22
N ASN C 83 -18.96 8.28 7.12
CA ASN C 83 -18.20 7.03 7.03
C ASN C 83 -17.32 7.03 5.77
N ILE C 84 -16.08 6.59 5.93
CA ILE C 84 -15.09 6.71 4.87
C ILE C 84 -14.37 5.39 4.69
N ILE C 85 -14.29 4.92 3.44
CA ILE C 85 -13.39 3.82 3.09
C ILE C 85 -12.09 4.35 2.50
N GLY C 86 -10.95 4.09 3.14
CA GLY C 86 -9.69 4.62 2.67
C GLY C 86 -8.88 3.55 1.94
N ARG C 87 -7.68 3.94 1.53
CA ARG C 87 -6.89 3.09 0.64
C ARG C 87 -6.56 1.72 1.24
N ASN C 88 -6.44 1.63 2.57
CA ASN C 88 -6.14 0.34 3.19
C ASN C 88 -7.15 -0.74 2.81
N LEU C 89 -8.39 -0.35 2.50
CA LEU C 89 -9.40 -1.30 2.13
C LEU C 89 -9.72 -1.22 0.66
N LEU C 90 -9.60 -0.04 0.04
CA LEU C 90 -9.74 0.08 -1.42
C LEU C 90 -8.77 -0.86 -2.15
N THR C 91 -7.54 -0.93 -1.65
CA THR C 91 -6.56 -1.84 -2.24
C THR C 91 -6.98 -3.30 -2.11
N GLN C 92 -7.57 -3.65 -0.97
CA GLN C 92 -8.01 -5.04 -0.76
C GLN C 92 -9.06 -5.45 -1.75
N ILE C 93 -9.94 -4.54 -2.15
CA ILE C 93 -10.98 -4.85 -3.12
C ILE C 93 -10.63 -4.59 -4.58
N GLY C 94 -9.41 -4.15 -4.83
CA GLY C 94 -8.86 -4.05 -6.18
C GLY C 94 -9.23 -2.75 -6.87
N CYS C 95 -9.47 -1.72 -6.07
CA CYS C 95 -9.85 -0.43 -6.62
C CYS C 95 -8.67 0.32 -7.27
N THR C 96 -8.89 0.78 -8.51
CA THR C 96 -8.01 1.75 -9.18
C THR C 96 -8.72 3.03 -9.63
N LEU C 97 -7.95 4.09 -9.81
CA LEU C 97 -8.40 5.29 -10.52
C LEU C 97 -7.99 5.18 -11.98
N ASN C 98 -8.92 5.55 -12.84
CA ASN C 98 -8.74 5.41 -14.29
C ASN C 98 -9.21 6.67 -15.04
N PHE C 99 -8.33 7.24 -15.85
CA PHE C 99 -8.76 8.27 -16.79
C PHE C 99 -7.89 8.24 -18.05
N PRO D 1 -4.31 7.18 -17.44
CA PRO D 1 -3.57 6.13 -16.74
C PRO D 1 -4.49 5.29 -15.87
N GLN D 2 -3.98 4.16 -15.40
CA GLN D 2 -4.63 3.40 -14.32
C GLN D 2 -3.72 3.50 -13.09
N ILE D 3 -4.22 4.08 -12.01
CA ILE D 3 -3.39 4.47 -10.86
C ILE D 3 -3.81 3.61 -9.67
N THR D 4 -2.92 2.74 -9.21
CA THR D 4 -3.22 1.89 -8.08
C THR D 4 -3.09 2.71 -6.81
N LEU D 5 -3.61 2.15 -5.72
CA LEU D 5 -3.78 2.88 -4.46
C LEU D 5 -2.95 2.32 -3.30
N TRP D 6 -1.89 1.57 -3.62
CA TRP D 6 -0.92 1.18 -2.60
C TRP D 6 -0.33 2.39 -1.90
N LYS D 7 -0.01 3.43 -2.66
CA LYS D 7 0.47 4.71 -2.14
C LYS D 7 -0.57 5.80 -2.44
N ARG D 8 -0.39 6.96 -1.83
CA ARG D 8 -1.22 8.11 -2.17
C ARG D 8 -1.14 8.44 -3.66
N PRO D 9 -2.28 8.62 -4.33
CA PRO D 9 -2.39 8.84 -5.77
C PRO D 9 -2.01 10.27 -6.14
N LEU D 10 -0.72 10.57 -5.98
CA LEU D 10 -0.16 11.88 -6.27
C LEU D 10 0.19 12.06 -7.74
N VAL D 11 -0.23 13.18 -8.30
CA VAL D 11 0.12 13.47 -9.68
C VAL D 11 0.66 14.88 -9.78
N THR D 12 1.26 15.19 -10.91
CA THR D 12 1.67 16.57 -11.20
C THR D 12 0.53 17.32 -11.84
N ILE D 13 0.29 18.52 -11.33
CA ILE D 13 -0.65 19.43 -11.93
C ILE D 13 0.10 20.70 -12.35
N ARG D 14 -0.52 21.49 -13.23
CA ARG D 14 0.04 22.79 -13.60
C ARG D 14 -1.05 23.84 -13.41
N ILE D 15 -0.77 24.84 -12.59
CA ILE D 15 -1.72 25.91 -12.29
C ILE D 15 -0.97 27.23 -12.14
N GLY D 16 -1.45 28.27 -12.81
CA GLY D 16 -1.03 29.64 -12.51
C GLY D 16 0.48 29.83 -12.59
N GLY D 17 1.09 29.28 -13.64
CA GLY D 17 2.52 29.40 -13.84
C GLY D 17 3.42 28.44 -13.05
N GLN D 18 2.83 27.45 -12.37
CA GLN D 18 3.56 26.54 -11.48
C GLN D 18 3.20 25.05 -11.69
N LEU D 19 4.19 24.17 -11.66
CA LEU D 19 3.92 22.74 -11.50
C LEU D 19 3.78 22.46 -10.01
N LYS D 20 2.80 21.64 -9.64
CA LYS D 20 2.67 21.19 -8.26
C LYS D 20 2.34 19.71 -8.18
N GLU D 21 2.58 19.15 -6.99
CA GLU D 21 2.13 17.79 -6.68
C GLU D 21 0.73 17.84 -6.02
N ALA D 22 -0.21 17.01 -6.47
CA ALA D 22 -1.52 17.00 -5.81
C ALA D 22 -2.12 15.60 -5.81
N LEU D 23 -3.03 15.41 -4.88
CA LEU D 23 -3.61 14.11 -4.58
C LEU D 23 -4.96 13.96 -5.25
N LEU D 24 -5.12 12.93 -6.05
CA LEU D 24 -6.42 12.68 -6.66
C LEU D 24 -7.40 12.16 -5.61
N ASN D 25 -8.47 12.90 -5.34
CA ASN D 25 -9.20 12.71 -4.11
C ASN D 25 -10.70 12.59 -4.36
N THR D 26 -11.18 11.35 -4.46
CA THR D 26 -12.59 11.07 -4.64
C THR D 26 -13.42 11.45 -3.43
N GLY D 27 -12.76 11.61 -2.28
CA GLY D 27 -13.40 12.05 -1.04
C GLY D 27 -13.58 13.55 -0.88
N ALA D 28 -13.18 14.30 -1.90
CA ALA D 28 -13.32 15.76 -1.88
C ALA D 28 -14.31 16.27 -2.92
N ASP D 29 -15.25 17.11 -2.49
CA ASP D 29 -16.17 17.73 -3.41
C ASP D 29 -15.45 18.67 -4.35
N ASP D 30 -14.47 19.37 -3.80
CA ASP D 30 -13.83 20.50 -4.41
C ASP D 30 -12.33 20.28 -4.47
N THR D 31 -11.67 21.19 -5.17
CA THR D 31 -10.22 21.17 -5.32
C THR D 31 -9.64 22.26 -4.43
N VAL D 32 -8.73 21.85 -3.53
CA VAL D 32 -8.17 22.74 -2.52
C VAL D 32 -6.65 22.70 -2.59
N LEU D 33 -6.02 23.86 -2.76
CA LEU D 33 -4.60 23.98 -2.91
C LEU D 33 -4.00 24.66 -1.70
N GLU D 34 -2.78 24.24 -1.38
CA GLU D 34 -2.05 24.87 -0.29
C GLU D 34 -1.86 26.34 -0.60
N GLU D 35 -1.72 27.12 0.47
CA GLU D 35 -1.60 28.57 0.38
C GLU D 35 -0.62 28.99 -0.71
N MET D 36 -1.04 29.89 -1.59
CA MET D 36 -0.19 30.33 -2.68
C MET D 36 -0.76 31.66 -3.12
N ASN D 37 0.07 32.48 -3.74
CA ASN D 37 -0.38 33.78 -4.28
C ASN D 37 -0.90 33.71 -5.70
N LEU D 38 -2.17 33.36 -5.83
CA LEU D 38 -2.83 33.23 -7.11
C LEU D 38 -3.55 34.52 -7.47
N PRO D 39 -3.31 35.06 -8.67
CA PRO D 39 -4.05 36.28 -8.99
C PRO D 39 -5.49 35.96 -9.31
N GLY D 40 -6.34 36.98 -9.27
CA GLY D 40 -7.72 36.85 -9.69
C GLY D 40 -8.62 37.36 -8.58
N LYS D 41 -9.88 37.55 -8.90
CA LYS D 41 -10.92 37.80 -7.89
C LYS D 41 -11.21 36.51 -7.14
N TRP D 42 -11.56 36.67 -5.88
CA TRP D 42 -11.90 35.54 -5.06
C TRP D 42 -12.92 35.92 -4.00
N LYS D 43 -13.61 34.89 -3.48
CA LYS D 43 -14.57 35.07 -2.38
C LYS D 43 -14.21 34.10 -1.25
N PRO D 44 -14.32 34.57 -0.01
CA PRO D 44 -14.05 33.73 1.16
C PRO D 44 -15.14 32.70 1.36
N LYS D 45 -14.75 31.49 1.75
CA LYS D 45 -15.69 30.41 2.04
C LYS D 45 -15.17 29.59 3.21
N MET D 46 -16.08 28.87 3.86
CA MET D 46 -15.69 27.88 4.85
C MET D 46 -15.98 26.51 4.30
N ILE D 47 -14.99 25.63 4.35
CA ILE D 47 -15.20 24.22 4.01
C ILE D 47 -14.88 23.27 5.18
N GLY D 48 -15.45 22.07 5.13
CA GLY D 48 -15.18 21.07 6.15
C GLY D 48 -14.23 19.97 5.71
N GLY D 49 -13.50 19.44 6.68
CA GLY D 49 -12.58 18.32 6.48
C GLY D 49 -12.75 17.33 7.63
N ILE D 50 -11.79 16.44 7.81
CA ILE D 50 -11.94 15.39 8.83
C ILE D 50 -11.93 15.97 10.24
N GLY D 51 -11.22 17.07 10.45
CA GLY D 51 -10.95 17.56 11.81
C GLY D 51 -11.78 18.77 12.20
N GLY D 52 -12.47 19.37 11.24
CA GLY D 52 -13.28 20.55 11.48
C GLY D 52 -13.34 21.36 10.20
N PHE D 53 -13.36 22.69 10.34
CA PHE D 53 -13.62 23.57 9.23
C PHE D 53 -12.48 24.58 9.08
N ILE D 54 -12.24 25.00 7.84
CA ILE D 54 -11.21 25.98 7.56
C ILE D 54 -11.76 27.02 6.61
N LYS D 55 -11.15 28.20 6.65
CA LYS D 55 -11.48 29.30 5.77
C LYS D 55 -10.56 29.23 4.54
N VAL D 56 -11.16 29.43 3.37
CA VAL D 56 -10.44 29.35 2.11
C VAL D 56 -10.86 30.49 1.19
N ARG D 57 -10.04 30.71 0.17
CA ARG D 57 -10.36 31.68 -0.86
C ARG D 57 -10.83 30.92 -2.10
N GLN D 58 -11.97 31.31 -2.67
CA GLN D 58 -12.54 30.64 -3.83
C GLN D 58 -12.30 31.45 -5.10
N TYR D 59 -11.51 30.87 -6.01
CA TYR D 59 -11.19 31.44 -7.32
C TYR D 59 -11.97 30.66 -8.36
N ASP D 60 -12.63 31.36 -9.29
CA ASP D 60 -13.43 30.67 -10.31
C ASP D 60 -12.76 30.71 -11.68
N GLN D 61 -13.10 29.72 -12.49
CA GLN D 61 -12.62 29.67 -13.86
C GLN D 61 -11.11 29.78 -13.94
N ILE D 62 -10.43 28.99 -13.13
CA ILE D 62 -8.97 28.85 -13.18
C ILE D 62 -8.53 27.67 -14.07
N PRO D 63 -7.74 27.96 -15.10
CA PRO D 63 -7.18 26.90 -15.93
C PRO D 63 -6.18 26.05 -15.16
N ILE D 64 -6.29 24.74 -15.32
CA ILE D 64 -5.43 23.82 -14.57
C ILE D 64 -5.29 22.58 -15.42
N GLU D 65 -4.07 22.03 -15.46
CA GLU D 65 -3.79 20.81 -16.23
C GLU D 65 -3.46 19.73 -15.22
N ILE D 66 -4.09 18.56 -15.39
CA ILE D 66 -3.86 17.43 -14.48
C ILE D 66 -3.39 16.23 -15.29
N CYS D 67 -2.12 15.87 -15.14
CA CYS D 67 -1.57 14.76 -15.91
C CYS D 67 -1.76 14.93 -17.42
N GLY D 68 -1.54 16.16 -17.91
CA GLY D 68 -1.71 16.49 -19.31
C GLY D 68 -3.14 16.69 -19.77
N HIS D 69 -4.11 16.52 -18.88
CA HIS D 69 -5.51 16.79 -19.21
C HIS D 69 -5.85 18.22 -18.79
N LYS D 70 -6.43 18.97 -19.74
CA LYS D 70 -6.78 20.36 -19.53
C LYS D 70 -8.12 20.45 -18.84
N ALA D 71 -8.19 21.30 -17.83
CA ALA D 71 -9.44 21.59 -17.14
C ALA D 71 -9.53 23.08 -16.84
N ILE D 72 -10.73 23.56 -16.56
CA ILE D 72 -10.88 24.90 -16.00
C ILE D 72 -11.90 24.76 -14.93
N GLY D 73 -11.58 25.22 -13.72
CA GLY D 73 -12.66 25.29 -12.77
C GLY D 73 -12.30 26.05 -11.52
N THR D 74 -13.11 25.80 -10.51
CA THR D 74 -13.02 26.51 -9.25
C THR D 74 -11.92 25.85 -8.44
N VAL D 75 -11.08 26.69 -7.87
CA VAL D 75 -10.03 26.23 -6.99
C VAL D 75 -10.19 26.96 -5.67
N LEU D 76 -10.04 26.23 -4.58
CA LEU D 76 -10.01 26.84 -3.26
C LEU D 76 -8.58 26.88 -2.73
N VAL D 77 -8.17 27.99 -2.13
CA VAL D 77 -6.80 28.12 -1.62
C VAL D 77 -6.87 28.42 -0.13
N GLY D 78 -6.13 27.64 0.65
CA GLY D 78 -6.12 27.85 2.11
C GLY D 78 -5.30 26.79 2.83
N PRO D 79 -5.55 26.63 4.13
CA PRO D 79 -4.61 25.85 4.93
C PRO D 79 -4.88 24.34 4.90
N THR D 80 -4.76 23.74 3.72
CA THR D 80 -4.72 22.29 3.60
C THR D 80 -3.24 21.82 3.67
N PRO D 81 -2.98 20.65 4.27
CA PRO D 81 -1.59 20.20 4.27
C PRO D 81 -1.13 19.69 2.91
N VAL D 82 -2.08 19.22 2.09
CA VAL D 82 -1.72 18.70 0.79
C VAL D 82 -2.67 19.28 -0.27
N ASN D 83 -2.14 19.51 -1.46
CA ASN D 83 -2.96 19.93 -2.58
C ASN D 83 -3.88 18.74 -2.90
N ILE D 84 -5.15 19.04 -3.12
CA ILE D 84 -6.17 18.03 -3.34
C ILE D 84 -6.94 18.35 -4.61
N ILE D 85 -6.99 17.38 -5.52
CA ILE D 85 -7.80 17.48 -6.73
C ILE D 85 -9.10 16.74 -6.43
N GLY D 86 -10.17 17.50 -6.34
CA GLY D 86 -11.49 16.98 -6.00
C GLY D 86 -12.39 16.69 -7.17
N ARG D 87 -13.62 16.28 -6.88
CA ARG D 87 -14.48 15.72 -7.93
C ARG D 87 -14.84 16.73 -9.00
N ASN D 88 -14.85 18.02 -8.63
CA ASN D 88 -15.06 19.06 -9.65
C ASN D 88 -14.11 18.99 -10.84
N LEU D 89 -12.87 18.60 -10.57
CA LEU D 89 -11.89 18.47 -11.64
C LEU D 89 -11.71 17.00 -12.10
N LEU D 90 -11.91 16.03 -11.20
CA LEU D 90 -11.81 14.62 -11.57
C LEU D 90 -12.84 14.26 -12.65
N THR D 91 -14.01 14.88 -12.57
CA THR D 91 -15.04 14.60 -13.55
C THR D 91 -14.64 15.19 -14.90
N GLN D 92 -13.99 16.34 -14.89
CA GLN D 92 -13.58 16.98 -16.14
C GLN D 92 -12.58 16.15 -16.89
N ILE D 93 -11.68 15.47 -16.16
CA ILE D 93 -10.63 14.68 -16.80
C ILE D 93 -11.05 13.23 -17.07
N GLY D 94 -12.31 12.92 -16.79
CA GLY D 94 -12.90 11.63 -17.11
C GLY D 94 -12.48 10.52 -16.17
N CYS D 95 -12.20 10.87 -14.92
CA CYS D 95 -11.79 9.88 -13.94
C CYS D 95 -12.94 9.05 -13.37
N THR D 96 -12.72 7.74 -13.25
CA THR D 96 -13.63 6.84 -12.55
C THR D 96 -12.85 6.07 -11.50
N LEU D 97 -13.56 5.55 -10.50
CA LEU D 97 -13.08 4.47 -9.67
C LEU D 97 -13.59 3.14 -10.20
N ASN D 98 -12.73 2.12 -10.21
CA ASN D 98 -13.06 0.84 -10.80
C ASN D 98 -12.61 -0.29 -9.89
N PHE D 99 -13.47 -1.25 -9.61
CA PHE D 99 -13.04 -2.50 -8.99
C PHE D 99 -13.96 -3.66 -9.36
N ARG E 1 7.00 -18.78 -14.01
CA ARG E 1 6.31 -18.98 -12.71
C ARG E 1 6.37 -17.69 -11.88
N PRO E 2 5.59 -17.64 -10.81
CA PRO E 2 5.66 -16.50 -9.91
C PRO E 2 7.01 -16.51 -9.19
N GLY E 3 7.55 -15.32 -8.98
CA GLY E 3 8.89 -15.25 -8.38
C GLY E 3 9.12 -14.10 -7.42
N ASN E 4 8.09 -13.34 -7.09
CA ASN E 4 8.26 -12.26 -6.11
C ASN E 4 7.29 -12.36 -4.94
N PHE E 5 7.78 -12.93 -3.85
CA PHE E 5 6.89 -13.29 -2.75
C PHE E 5 6.93 -12.31 -1.59
N PHE E 6 7.01 -11.03 -1.92
CA PHE E 6 6.70 -10.00 -0.96
C PHE E 6 5.38 -10.30 -0.27
N GLN E 7 5.36 -10.11 1.04
CA GLN E 7 4.15 -10.34 1.81
C GLN E 7 4.02 -9.38 2.99
N SER E 8 2.84 -8.81 3.10
CA SER E 8 2.55 -7.77 4.10
CA SER E 8 2.54 -7.76 4.09
C SER E 8 1.36 -8.17 4.98
N ARG E 9 1.50 -7.90 6.27
CA ARG E 9 0.38 -7.95 7.18
C ARG E 9 -0.27 -6.57 7.09
N PRO E 10 -1.59 -6.53 6.82
CA PRO E 10 -2.26 -5.24 6.69
C PRO E 10 -1.89 -4.29 7.83
N ARG F 1 1.17 12.12 11.01
CA ARG F 1 1.26 12.94 9.75
C ARG F 1 -0.10 12.89 9.07
N PRO F 2 -0.65 14.06 8.65
CA PRO F 2 -2.07 14.05 8.25
C PRO F 2 -2.32 13.06 7.11
N GLY F 3 -3.46 12.36 7.18
CA GLY F 3 -3.73 11.27 6.25
C GLY F 3 -5.15 11.05 5.77
N ASN F 4 -6.11 11.82 6.26
CA ASN F 4 -7.47 11.76 5.72
C ASN F 4 -7.98 13.11 5.17
N PHE F 5 -8.06 13.21 3.85
CA PHE F 5 -8.31 14.48 3.22
C PHE F 5 -9.72 14.54 2.66
N PHE F 6 -10.65 13.90 3.34
CA PHE F 6 -12.07 14.20 3.15
C PHE F 6 -12.30 15.71 3.15
N GLN F 7 -13.11 16.14 2.20
CA GLN F 7 -13.48 17.55 2.09
C GLN F 7 -14.90 17.75 1.61
N SER F 8 -15.62 18.64 2.29
CA SER F 8 -17.01 18.97 1.91
C SER F 8 -17.18 20.45 1.51
N ARG F 9 -18.02 20.68 0.50
CA ARG F 9 -18.33 22.03 0.03
C ARG F 9 -19.06 22.83 1.11
N PRO F 10 -19.06 24.17 1.00
CA PRO F 10 -19.72 25.01 1.99
C PRO F 10 -21.20 24.69 2.23
C1 GOL G . 4.35 -31.59 15.01
O1 GOL G . 4.22 -32.93 14.52
C2 GOL G . 4.88 -30.76 13.85
O2 GOL G . 5.50 -31.63 12.90
C3 GOL G . 5.84 -29.68 14.33
O3 GOL G . 7.17 -29.85 13.84
C1 GOL H . 15.75 -22.65 -8.55
O1 GOL H . 15.47 -23.05 -7.19
C2 GOL H . 15.71 -21.13 -8.51
O2 GOL H . 16.50 -20.83 -7.39
C3 GOL H . 16.43 -20.35 -9.59
O3 GOL H . 16.57 -19.03 -9.07
C1 EDO I . 21.51 -14.92 -9.41
O1 EDO I . 21.32 -16.27 -9.81
C2 EDO I . 20.28 -14.49 -8.66
O2 EDO I . 19.37 -13.97 -9.64
C1 GOL J . 9.80 -31.41 18.02
O1 GOL J . 9.62 -32.63 17.31
C2 GOL J . 9.33 -31.60 19.45
O2 GOL J . 8.77 -30.38 19.93
C3 GOL J . 10.46 -31.90 20.43
O3 GOL J . 10.36 -30.85 21.40
C1 EDO K . -8.70 -30.24 14.77
O1 EDO K . -9.70 -29.39 14.24
C2 EDO K . -9.04 -30.58 16.22
O2 EDO K . -7.85 -31.01 16.89
C1 EDO L . 3.74 -23.37 -7.79
O1 EDO L . 2.52 -23.42 -7.03
C2 EDO L . 3.57 -22.43 -8.97
O2 EDO L . 4.84 -21.87 -9.36
C1 EDO M . 14.05 -31.18 8.66
O1 EDO M . 13.06 -31.83 9.46
C2 EDO M . 13.72 -29.69 8.64
O2 EDO M . 13.70 -29.20 9.98
C1 EDO N . 16.79 7.99 -23.61
O1 EDO N . 17.57 8.49 -22.52
C2 EDO N . 15.33 7.85 -23.19
O2 EDO N . 15.24 8.25 -21.83
C1 EDO O . 8.81 -11.08 14.88
O1 EDO O . 7.44 -11.53 14.92
C2 EDO O . 8.96 -9.87 13.96
O2 EDO O . 9.30 -8.68 14.72
C ACT P . -23.70 0.27 17.20
O ACT P . -24.34 0.81 18.13
OXT ACT P . -22.61 -0.26 17.43
CH3 ACT P . -24.23 0.26 15.79
C1 EDO Q . -2.74 8.24 9.54
O1 EDO Q . -2.23 8.36 8.20
C2 EDO Q . -2.06 9.22 10.49
O2 EDO Q . -0.69 8.87 10.74
C1 EDO R . -23.88 -5.55 0.72
O1 EDO R . -23.85 -5.07 -0.63
C2 EDO R . -22.60 -5.08 1.41
O2 EDO R . -21.55 -4.99 0.44
C1 EDO S . -24.79 4.43 8.60
O1 EDO S . -24.93 4.86 7.23
C2 EDO S . -24.20 5.56 9.43
O2 EDO S . -23.03 5.11 10.12
C1 GOL T . 3.14 8.30 0.82
O1 GOL T . 3.26 8.76 -0.53
C2 GOL T . 2.00 7.31 0.69
O2 GOL T . 2.03 7.10 -0.72
C3 GOL T . 2.18 6.01 1.45
O3 GOL T . 0.89 5.45 1.77
C1 GOL U . -19.25 17.10 -9.28
O1 GOL U . -20.47 17.03 -10.07
C2 GOL U . -19.53 17.89 -7.99
O2 GOL U . -20.53 17.24 -7.21
C3 GOL U . -18.28 18.00 -7.12
O3 GOL U . -18.33 19.15 -6.26
C1 EDO V . -16.10 23.31 -12.87
O1 EDO V . -16.06 21.91 -12.60
C2 EDO V . -16.22 24.02 -11.54
O2 EDO V . -15.15 23.61 -10.72
C1 EDO W . -3.84 26.04 -24.19
O1 EDO W . -4.94 25.38 -24.81
C2 EDO W . -4.06 25.86 -22.71
O2 EDO W . -2.82 26.10 -22.05
C1 EDO X . 1.24 18.34 -15.94
O1 EDO X . -0.13 18.28 -16.36
C2 EDO X . 2.02 17.13 -16.45
O2 EDO X . 3.42 17.46 -16.54
C1 EDO Y . 1.65 27.22 -16.15
O1 EDO Y . 0.40 27.65 -15.58
C2 EDO Y . 2.51 26.61 -15.05
O2 EDO Y . 3.89 26.47 -15.44
P PO4 Z . -23.03 15.45 -4.27
O1 PO4 Z . -21.82 15.92 -5.04
O2 PO4 Z . -23.16 13.96 -4.03
O3 PO4 Z . -23.09 16.08 -2.90
O4 PO4 Z . -24.19 15.87 -5.11
C1 GOL AA . 7.56 -5.26 11.05
O1 GOL AA . 7.09 -5.74 12.32
C2 GOL AA . 7.55 -3.75 10.87
O2 GOL AA . 7.35 -3.11 12.12
C3 GOL AA . 8.94 -3.39 10.40
O3 GOL AA . 9.05 -2.13 9.73
#